data_8AZB
#
_entry.id   8AZB
#
_cell.length_a   54.530
_cell.length_b   91.080
_cell.length_c   106.740
_cell.angle_alpha   90.000
_cell.angle_beta   90.000
_cell.angle_gamma   90.000
#
_symmetry.space_group_name_H-M   'P 21 21 21'
#
loop_
_entity.id
_entity.type
_entity.pdbx_description
1 polymer 'Dipeptide-binding protein DppE'
2 water water
#
_entity_poly.entity_id   1
_entity_poly.type   'polypeptide(L)'
_entity_poly.pdbx_seq_one_letter_code
;CTANEQAGKEGSHDKAKTSGEKVLYVNNENEPTSFDPPIGFNNVSWQPLNNIMEGLTRLGKDHEPEPAMAEKWSVSKDNK
TYTFTIRENAKWTNGDPVTAGDFEYAWKRMLDPKKGASSAFLGYFIEGGEAYNSGKGKKDDVKVTAKDDRTLEVTLEAPQ
KYFLSVVSNPAYFPVNEKVDKDNPKWFAESDTFVGNGPFKLTEWKHDDSITMEKSDTYWDKDTVKLDKVKWAMVSDRNTD
YQMFQSGELDTAYVPAELSDQLLDQDNVNIVDQAGLYFYRFNVNMEPFQNENIRKAFAMAVDQEEIVKYVTKNNEKPAHA
FVSPGFTQPDGKDFREAGGDLIKPNESKAKQLLEKGMKEENYNKLPAITLTYSTKPEHKKIAEAIQQKLKNSLGVDVKLA
NMEWNVFLEDQKALKFQFSQSSFLPDYADPISFLEAFQTGNSMNRTGWANKEYDQLIKQAKNEADEKTRFSLMHQAEELL
INEAPIIPVYFYNQVHLQNEQVKGIVRHPVGYIDLKWADKN
;
_entity_poly.pdbx_strand_id   A
#
# COMPACT_ATOMS: atom_id res chain seq x y z
N GLU A 21 -17.27 9.16 28.75
CA GLU A 21 -15.97 8.95 28.05
C GLU A 21 -16.21 8.17 26.75
N LYS A 22 -15.76 8.74 25.62
CA LYS A 22 -15.91 8.14 24.31
C LYS A 22 -14.61 7.41 24.00
N VAL A 23 -14.72 6.08 23.99
CA VAL A 23 -13.60 5.21 23.76
C VAL A 23 -13.92 4.41 22.51
N LEU A 24 -13.02 4.47 21.51
CA LEU A 24 -13.12 3.62 20.33
C LEU A 24 -12.31 2.35 20.53
N TYR A 25 -12.96 1.18 20.38
CA TYR A 25 -12.36 -0.11 20.58
C TYR A 25 -12.11 -0.78 19.23
N VAL A 26 -10.83 -0.94 18.91
CA VAL A 26 -10.40 -1.56 17.66
C VAL A 26 -9.46 -2.71 17.96
N ASN A 27 -9.15 -3.47 16.90
CA ASN A 27 -8.28 -4.63 17.02
C ASN A 27 -7.07 -4.46 16.10
N ASN A 28 -5.86 -4.38 16.68
CA ASN A 28 -4.63 -4.33 15.92
C ASN A 28 -4.13 -5.72 15.50
N GLU A 29 -4.73 -6.76 16.13
CA GLU A 29 -4.53 -8.19 15.82
C GLU A 29 -3.24 -8.74 16.45
N ASN A 30 -2.16 -7.97 16.37
CA ASN A 30 -0.85 -8.41 16.82
C ASN A 30 -0.04 -7.23 17.33
N GLU A 31 1.08 -7.55 17.98
CA GLU A 31 2.03 -6.60 18.51
C GLU A 31 2.69 -5.79 17.39
N PRO A 32 2.74 -4.44 17.48
CA PRO A 32 3.50 -3.65 16.51
C PRO A 32 4.93 -4.15 16.44
N THR A 33 5.47 -4.28 15.24
CA THR A 33 6.86 -4.62 15.04
C THR A 33 7.75 -3.60 15.70
N SER A 34 7.45 -2.31 15.45
CA SER A 34 8.29 -1.23 15.95
C SER A 34 7.54 0.10 15.85
N PHE A 35 7.70 0.97 16.84
CA PHE A 35 7.23 2.36 16.76
C PHE A 35 8.36 3.31 16.42
N ASP A 36 9.58 2.84 16.14
CA ASP A 36 10.63 3.66 15.56
C ASP A 36 10.16 3.96 14.14
N PRO A 37 9.78 5.22 13.74
CA PRO A 37 8.88 5.41 12.58
C PRO A 37 9.32 4.70 11.28
N PRO A 38 10.58 4.76 10.84
CA PRO A 38 10.93 4.10 9.58
C PRO A 38 11.04 2.58 9.60
N ILE A 39 10.92 1.96 10.78
CA ILE A 39 11.28 0.55 10.89
C ILE A 39 10.13 -0.41 10.61
N GLY A 40 8.94 -0.13 11.09
CA GLY A 40 7.89 -1.14 11.06
C GLY A 40 7.47 -1.48 9.62
N PHE A 41 7.11 -0.46 8.84
CA PHE A 41 6.86 -0.63 7.39
C PHE A 41 5.76 -1.67 7.18
N ASN A 42 4.70 -1.63 7.99
CA ASN A 42 3.61 -2.59 7.92
C ASN A 42 2.41 -2.08 8.70
N ASN A 43 1.26 -2.70 8.50
CA ASN A 43 0.04 -2.26 9.12
C ASN A 43 0.07 -2.37 10.63
N VAL A 44 0.62 -3.50 11.15
CA VAL A 44 0.60 -3.77 12.56
C VAL A 44 1.35 -2.66 13.33
N SER A 45 2.39 -2.05 12.70
CA SER A 45 3.14 -0.93 13.28
C SER A 45 2.48 0.42 12.98
N TRP A 46 2.09 0.63 11.74
CA TRP A 46 1.86 1.98 11.23
C TRP A 46 0.42 2.39 11.38
N GLN A 47 -0.55 1.49 11.49
CA GLN A 47 -1.92 1.87 11.75
C GLN A 47 -2.01 2.62 13.10
N PRO A 48 -1.52 2.09 14.25
CA PRO A 48 -1.51 2.89 15.46
C PRO A 48 -0.53 4.05 15.40
N LEU A 49 0.65 3.87 14.81
CA LEU A 49 1.66 4.91 14.84
C LEU A 49 1.14 6.20 14.16
N ASN A 50 0.34 6.02 13.10
CA ASN A 50 -0.23 7.14 12.37
C ASN A 50 -1.10 8.02 13.25
N ASN A 51 -1.56 7.56 14.41
CA ASN A 51 -2.46 8.30 15.26
C ASN A 51 -1.76 8.86 16.49
N ILE A 52 -0.46 8.58 16.70
CA ILE A 52 0.30 9.16 17.79
C ILE A 52 1.44 10.03 17.30
N MET A 53 1.68 10.02 15.95
CA MET A 53 2.69 10.82 15.30
C MET A 53 2.02 11.56 14.12
N GLU A 54 2.78 12.53 13.60
CA GLU A 54 2.25 13.39 12.51
C GLU A 54 3.41 13.91 11.68
N GLY A 55 3.20 13.85 10.33
CA GLY A 55 4.17 14.37 9.38
C GLY A 55 3.88 15.83 8.95
N LEU A 56 4.60 16.27 7.93
CA LEU A 56 4.35 17.59 7.38
C LEU A 56 2.93 17.76 6.87
N THR A 57 2.41 16.69 6.25
CA THR A 57 1.02 16.63 5.82
C THR A 57 0.34 15.39 6.40
N ARG A 58 -0.97 15.37 6.35
CA ARG A 58 -1.78 14.24 6.68
C ARG A 58 -2.83 14.10 5.59
N LEU A 59 -3.14 12.87 5.17
CA LEU A 59 -4.19 12.69 4.19
C LEU A 59 -5.53 13.00 4.84
N GLY A 60 -6.36 13.83 4.17
CA GLY A 60 -7.65 14.22 4.74
C GLY A 60 -8.78 13.25 4.38
N LYS A 61 -10.00 13.69 4.67
CA LYS A 61 -11.17 12.85 4.50
C LYS A 61 -11.40 12.52 3.01
N ASP A 62 -10.88 13.34 2.08
CA ASP A 62 -10.94 13.09 0.65
C ASP A 62 -9.63 12.45 0.13
N HIS A 63 -8.70 12.10 1.03
CA HIS A 63 -7.44 11.42 0.76
C HIS A 63 -6.37 12.33 0.18
N GLU A 64 -6.62 13.63 0.05
CA GLU A 64 -5.64 14.56 -0.45
C GLU A 64 -4.80 15.02 0.72
N PRO A 65 -3.50 15.27 0.51
CA PRO A 65 -2.67 15.77 1.60
C PRO A 65 -3.12 17.17 1.99
N GLU A 66 -3.15 17.39 3.30
CA GLU A 66 -3.50 18.66 3.90
C GLU A 66 -2.43 19.07 4.88
N PRO A 67 -2.33 20.38 5.20
CA PRO A 67 -1.34 20.84 6.17
C PRO A 67 -1.50 20.14 7.52
N ALA A 68 -0.38 19.67 8.07
CA ALA A 68 -0.32 18.94 9.34
C ALA A 68 0.78 19.62 10.18
N MET A 69 1.97 19.11 10.30
CA MET A 69 3.04 19.81 10.94
C MET A 69 3.44 21.03 10.11
N ALA A 70 3.38 20.96 8.79
CA ALA A 70 3.58 22.14 7.92
C ALA A 70 2.26 22.89 7.78
N GLU A 71 2.28 24.18 8.13
CA GLU A 71 1.20 25.12 7.87
C GLU A 71 0.99 25.33 6.37
N LYS A 72 2.10 25.40 5.64
CA LYS A 72 2.08 25.75 4.21
C LYS A 72 3.42 25.38 3.58
N TRP A 73 3.48 25.45 2.25
CA TRP A 73 4.67 25.12 1.49
C TRP A 73 4.66 25.94 0.19
N SER A 74 5.86 26.20 -0.29
CA SER A 74 6.03 26.75 -1.62
CA SER A 74 6.12 26.82 -1.59
C SER A 74 6.96 25.84 -2.39
N VAL A 75 6.79 25.77 -3.70
CA VAL A 75 7.57 24.95 -4.60
C VAL A 75 8.29 25.83 -5.62
N SER A 76 9.56 25.56 -5.87
CA SER A 76 10.41 26.33 -6.79
C SER A 76 9.90 26.17 -8.22
N LYS A 77 10.41 27.08 -9.08
CA LYS A 77 9.96 27.11 -10.48
CA LYS A 77 10.08 27.15 -10.50
C LYS A 77 10.26 25.79 -11.20
N ASP A 78 11.38 25.11 -10.89
CA ASP A 78 11.72 23.82 -11.46
C ASP A 78 11.01 22.62 -10.82
N ASN A 79 10.14 22.92 -9.86
CA ASN A 79 9.31 21.88 -9.24
C ASN A 79 10.13 20.87 -8.42
N LYS A 80 11.36 21.16 -8.06
CA LYS A 80 12.20 20.24 -7.30
C LYS A 80 12.32 20.65 -5.84
N THR A 81 12.24 21.92 -5.50
CA THR A 81 12.61 22.40 -4.16
C THR A 81 11.40 22.92 -3.43
N TYR A 82 11.07 22.27 -2.35
CA TYR A 82 9.94 22.57 -1.47
C TYR A 82 10.45 23.33 -0.25
N THR A 83 9.77 24.41 0.14
CA THR A 83 10.05 25.13 1.37
C THR A 83 8.82 25.01 2.25
N PHE A 84 8.89 24.19 3.32
CA PHE A 84 7.81 23.98 4.25
C PHE A 84 7.95 24.96 5.39
N THR A 85 6.84 25.59 5.80
CA THR A 85 6.80 26.38 7.02
C THR A 85 6.13 25.53 8.09
N ILE A 86 6.85 25.27 9.20
CA ILE A 86 6.29 24.52 10.32
C ILE A 86 5.31 25.36 11.11
N ARG A 87 4.17 24.82 11.47
CA ARG A 87 3.17 25.43 12.31
C ARG A 87 3.81 26.01 13.58
N GLU A 88 3.44 27.24 13.92
CA GLU A 88 4.07 27.97 14.99
C GLU A 88 3.87 27.33 16.37
N ASN A 89 2.75 26.66 16.56
CA ASN A 89 2.44 26.12 17.87
C ASN A 89 2.43 24.58 17.88
N ALA A 90 3.12 23.96 16.91
CA ALA A 90 3.25 22.49 16.94
C ALA A 90 4.19 22.04 18.04
N LYS A 91 3.73 21.10 18.89
CA LYS A 91 4.49 20.62 20.03
C LYS A 91 4.53 19.11 20.09
N TRP A 92 5.58 18.64 20.77
CA TRP A 92 5.71 17.26 21.21
C TRP A 92 4.98 17.07 22.54
N THR A 93 4.73 15.81 22.93
CA THR A 93 4.01 15.54 24.18
C THR A 93 4.82 15.96 25.41
N ASN A 94 6.11 16.17 25.29
CA ASN A 94 6.92 16.62 26.41
C ASN A 94 6.99 18.14 26.47
N GLY A 95 6.23 18.87 25.64
CA GLY A 95 6.17 20.33 25.63
C GLY A 95 7.17 20.99 24.69
N ASP A 96 8.12 20.22 24.15
CA ASP A 96 9.10 20.77 23.25
C ASP A 96 8.47 21.17 21.91
N PRO A 97 8.90 22.26 21.24
CA PRO A 97 8.33 22.59 19.94
C PRO A 97 8.74 21.55 18.90
N VAL A 98 7.88 21.31 17.91
CA VAL A 98 8.28 20.52 16.76
C VAL A 98 8.99 21.44 15.77
N THR A 99 10.22 21.10 15.46
CA THR A 99 11.05 22.00 14.67
C THR A 99 11.40 21.41 13.31
N ALA A 100 11.86 22.27 12.41
CA ALA A 100 12.37 21.77 11.14
C ALA A 100 13.56 20.85 11.35
N GLY A 101 14.37 21.10 12.36
CA GLY A 101 15.49 20.22 12.68
C GLY A 101 15.06 18.82 13.03
N ASP A 102 13.89 18.66 13.67
CA ASP A 102 13.43 17.32 14.00
C ASP A 102 13.14 16.51 12.73
N PHE A 103 12.71 17.21 11.66
CA PHE A 103 12.46 16.58 10.38
C PHE A 103 13.76 16.27 9.66
N GLU A 104 14.69 17.24 9.55
CA GLU A 104 16.02 16.99 8.98
C GLU A 104 16.65 15.77 9.68
N TYR A 105 16.62 15.75 11.00
CA TYR A 105 17.21 14.66 11.77
C TYR A 105 16.58 13.34 11.37
N ALA A 106 15.27 13.29 11.39
CA ALA A 106 14.53 12.08 11.17
C ALA A 106 14.77 11.53 9.77
N TRP A 107 14.74 12.38 8.73
CA TRP A 107 14.82 11.89 7.39
C TRP A 107 16.23 11.39 7.11
N LYS A 108 17.27 12.05 7.64
CA LYS A 108 18.64 11.54 7.49
C LYS A 108 18.81 10.27 8.28
N ARG A 109 18.14 10.13 9.41
CA ARG A 109 18.22 8.90 10.18
C ARG A 109 17.56 7.74 9.42
N MET A 110 16.45 8.00 8.74
CA MET A 110 15.69 7.00 8.02
C MET A 110 16.57 6.44 6.89
N LEU A 111 17.39 7.31 6.27
CA LEU A 111 18.25 6.95 5.15
C LEU A 111 19.59 6.38 5.60
N ASP A 112 19.91 6.48 6.88
CA ASP A 112 21.25 6.04 7.34
C ASP A 112 21.58 4.63 6.90
N PRO A 113 22.71 4.48 6.16
CA PRO A 113 23.14 3.19 5.62
C PRO A 113 23.25 2.12 6.71
N LYS A 114 23.61 2.53 7.95
CA LYS A 114 23.83 1.60 9.06
C LYS A 114 22.55 1.16 9.76
N LYS A 115 21.43 1.85 9.55
CA LYS A 115 20.22 1.56 10.30
C LYS A 115 19.39 0.48 9.62
N GLY A 116 19.55 0.32 8.31
CA GLY A 116 18.86 -0.77 7.62
C GLY A 116 17.33 -0.66 7.73
N ALA A 117 16.78 0.58 7.67
CA ALA A 117 15.33 0.72 7.66
C ALA A 117 14.74 0.17 6.37
N SER A 118 13.67 -0.66 6.52
CA SER A 118 13.03 -1.25 5.35
C SER A 118 12.31 -0.22 4.47
N SER A 119 11.97 0.95 5.05
CA SER A 119 11.29 2.02 4.33
C SER A 119 12.27 3.03 3.72
N ALA A 120 13.58 2.83 3.80
CA ALA A 120 14.56 3.84 3.38
C ALA A 120 14.39 4.20 1.91
N PHE A 121 13.97 3.24 1.06
CA PHE A 121 13.78 3.51 -0.35
C PHE A 121 12.83 4.70 -0.57
N LEU A 122 11.86 4.93 0.36
CA LEU A 122 10.97 6.07 0.14
C LEU A 122 11.72 7.40 0.30
N GLY A 123 12.81 7.38 1.06
CA GLY A 123 13.72 8.51 1.19
C GLY A 123 14.53 8.82 -0.06
N TYR A 124 14.58 7.87 -1.00
CA TYR A 124 15.37 8.08 -2.21
C TYR A 124 14.81 9.23 -3.05
N PHE A 125 13.55 9.64 -2.82
CA PHE A 125 13.03 10.77 -3.58
C PHE A 125 13.81 12.03 -3.27
N ILE A 126 14.39 12.16 -2.08
CA ILE A 126 15.18 13.32 -1.71
C ILE A 126 16.51 13.25 -2.47
N GLU A 127 16.94 14.39 -3.05
CA GLU A 127 18.21 14.41 -3.76
C GLU A 127 19.34 14.04 -2.81
N GLY A 128 20.21 13.11 -3.27
CA GLY A 128 21.29 12.59 -2.47
C GLY A 128 20.94 11.44 -1.57
N GLY A 129 19.65 11.12 -1.40
CA GLY A 129 19.26 10.14 -0.42
C GLY A 129 19.70 8.71 -0.75
N GLU A 130 19.50 8.29 -1.98
CA GLU A 130 19.90 6.94 -2.41
C GLU A 130 21.42 6.77 -2.29
N ALA A 131 22.17 7.82 -2.65
CA ALA A 131 23.63 7.73 -2.58
C ALA A 131 24.08 7.61 -1.12
N TYR A 132 23.52 8.40 -0.22
CA TYR A 132 23.82 8.28 1.18
C TYR A 132 23.47 6.90 1.71
N ASN A 133 22.28 6.42 1.40
CA ASN A 133 21.82 5.11 1.84
C ASN A 133 22.67 3.97 1.32
N SER A 134 23.28 4.15 0.15
CA SER A 134 24.11 3.11 -0.46
C SER A 134 25.49 3.03 0.19
N GLY A 135 25.89 4.01 0.96
CA GLY A 135 27.21 4.06 1.54
C GLY A 135 28.14 4.89 0.67
N LYS A 136 27.71 5.31 -0.53
CA LYS A 136 28.50 6.03 -1.53
C LYS A 136 28.62 7.53 -1.18
N GLY A 137 27.49 8.18 -0.81
CA GLY A 137 27.39 9.63 -0.77
C GLY A 137 27.39 10.12 0.67
N LYS A 138 27.58 11.43 0.85
CA LYS A 138 27.65 12.01 2.16
C LYS A 138 26.26 12.39 2.72
N LYS A 139 26.10 12.24 4.03
CA LYS A 139 24.92 12.65 4.77
C LYS A 139 24.59 14.11 4.45
N ASP A 140 25.61 14.97 4.38
CA ASP A 140 25.40 16.41 4.25
C ASP A 140 24.88 16.76 2.88
N ASP A 141 25.05 15.87 1.90
CA ASP A 141 24.61 16.08 0.54
C ASP A 141 23.17 15.56 0.34
N VAL A 142 22.52 15.05 1.37
CA VAL A 142 21.10 14.77 1.28
C VAL A 142 20.36 16.08 1.47
N LYS A 143 19.48 16.45 0.50
CA LYS A 143 18.95 17.81 0.42
C LYS A 143 17.64 17.89 1.21
N VAL A 144 17.75 17.69 2.52
CA VAL A 144 16.76 18.13 3.49
C VAL A 144 17.51 18.98 4.53
N THR A 145 17.13 20.25 4.67
CA THR A 145 17.83 21.21 5.48
C THR A 145 16.86 22.06 6.28
N ALA A 146 17.08 22.15 7.59
CA ALA A 146 16.41 23.09 8.46
C ALA A 146 17.07 24.44 8.33
N LYS A 147 16.49 25.35 7.58
CA LYS A 147 17.01 26.71 7.40
C LYS A 147 16.89 27.51 8.69
N ASP A 148 15.81 27.34 9.44
CA ASP A 148 15.65 27.80 10.82
C ASP A 148 14.65 26.88 11.50
N ASP A 149 14.23 27.11 12.75
CA ASP A 149 13.35 26.18 13.45
C ASP A 149 12.01 26.05 12.75
N ARG A 150 11.59 27.03 11.94
CA ARG A 150 10.28 26.99 11.28
C ARG A 150 10.31 26.70 9.78
N THR A 151 11.50 26.48 9.19
CA THR A 151 11.63 26.39 7.75
C THR A 151 12.44 25.17 7.35
N LEU A 152 11.80 24.25 6.61
CA LEU A 152 12.44 23.05 6.08
C LEU A 152 12.48 23.09 4.57
N GLU A 153 13.69 23.09 4.03
CA GLU A 153 13.90 23.07 2.59
C GLU A 153 14.29 21.66 2.14
N VAL A 154 13.63 21.16 1.10
CA VAL A 154 13.80 19.82 0.58
C VAL A 154 13.94 19.89 -0.92
N THR A 155 14.99 19.34 -1.49
CA THR A 155 15.13 19.22 -2.93
C THR A 155 15.02 17.78 -3.37
N LEU A 156 14.14 17.51 -4.36
CA LEU A 156 13.94 16.17 -4.89
C LEU A 156 14.92 15.85 -6.01
N GLU A 157 15.15 14.54 -6.23
CA GLU A 157 15.89 14.11 -7.40
C GLU A 157 15.18 14.54 -8.67
N ALA A 158 13.84 14.46 -8.69
CA ALA A 158 13.08 14.81 -9.87
C ALA A 158 11.71 15.29 -9.42
N PRO A 159 11.03 16.13 -10.18
CA PRO A 159 9.72 16.61 -9.78
C PRO A 159 8.73 15.45 -9.64
N GLN A 160 8.00 15.48 -8.53
CA GLN A 160 6.97 14.49 -8.23
C GLN A 160 5.82 15.21 -7.54
N LYS A 161 4.67 15.42 -8.21
CA LYS A 161 3.62 16.23 -7.60
C LYS A 161 3.02 15.53 -6.36
N TYR A 162 3.14 14.22 -6.30
CA TYR A 162 2.65 13.38 -5.21
C TYR A 162 3.60 13.31 -4.04
N PHE A 163 4.69 14.07 -4.08
CA PHE A 163 5.53 14.17 -2.88
C PHE A 163 4.75 14.64 -1.66
N LEU A 164 3.76 15.49 -1.84
CA LEU A 164 2.99 15.95 -0.70
C LEU A 164 2.22 14.81 -0.02
N SER A 165 1.86 13.75 -0.75
CA SER A 165 1.34 12.54 -0.11
C SER A 165 2.43 11.72 0.54
N VAL A 166 3.60 11.61 -0.09
CA VAL A 166 4.72 10.84 0.44
C VAL A 166 5.07 11.33 1.85
N VAL A 167 5.09 12.66 2.09
CA VAL A 167 5.52 13.16 3.40
C VAL A 167 4.44 12.96 4.46
N SER A 168 3.30 12.36 4.16
CA SER A 168 2.34 11.87 5.17
C SER A 168 2.65 10.43 5.61
N ASN A 169 3.57 9.76 4.93
CA ASN A 169 3.93 8.38 5.26
C ASN A 169 4.77 8.32 6.54
N PRO A 170 4.62 7.26 7.38
CA PRO A 170 5.33 7.27 8.67
C PRO A 170 6.85 7.32 8.54
N ALA A 171 7.42 6.82 7.44
CA ALA A 171 8.86 6.90 7.24
C ALA A 171 9.38 8.34 7.34
N TYR A 172 8.51 9.29 6.97
CA TYR A 172 8.79 10.73 6.94
C TYR A 172 8.32 11.42 8.22
N PHE A 173 7.92 10.65 9.24
CA PHE A 173 7.56 11.32 10.50
C PHE A 173 8.82 11.89 11.12
N PRO A 174 8.69 13.03 11.86
CA PRO A 174 9.81 13.59 12.60
C PRO A 174 10.12 12.72 13.84
N VAL A 175 11.29 12.99 14.34
CA VAL A 175 11.73 12.37 15.59
C VAL A 175 12.31 13.50 16.43
N ASN A 176 11.99 13.50 17.75
CA ASN A 176 12.48 14.56 18.62
C ASN A 176 13.95 14.25 18.86
N GLU A 177 14.85 15.06 18.31
CA GLU A 177 16.26 14.73 18.26
C GLU A 177 16.84 14.65 19.67
N LYS A 178 16.50 15.61 20.52
CA LYS A 178 16.98 15.58 21.91
C LYS A 178 16.55 14.28 22.61
N VAL A 179 15.33 13.85 22.41
CA VAL A 179 14.81 12.65 23.06
C VAL A 179 15.54 11.44 22.53
N ASP A 180 15.81 11.37 21.23
CA ASP A 180 16.47 10.25 20.60
C ASP A 180 17.93 10.13 21.05
N LYS A 181 18.62 11.26 21.22
CA LYS A 181 20.01 11.14 21.69
C LYS A 181 20.05 10.78 23.18
N ASP A 182 19.10 11.26 23.97
CA ASP A 182 19.03 10.89 25.39
C ASP A 182 18.68 9.41 25.57
N ASN A 183 17.75 8.86 24.82
CA ASN A 183 17.29 7.51 24.96
C ASN A 183 17.02 6.97 23.56
N PRO A 184 18.02 6.33 22.94
CA PRO A 184 17.85 5.79 21.60
C PRO A 184 16.79 4.70 21.44
N LYS A 185 16.18 4.26 22.55
CA LYS A 185 15.06 3.32 22.53
C LYS A 185 13.80 3.93 23.10
N TRP A 186 13.64 5.24 22.98
CA TRP A 186 12.46 5.96 23.47
C TRP A 186 11.16 5.36 22.91
N PHE A 187 11.21 4.83 21.68
CA PHE A 187 9.97 4.40 21.03
C PHE A 187 9.52 3.01 21.47
N ALA A 188 10.27 2.35 22.37
CA ALA A 188 10.02 0.93 22.67
C ALA A 188 8.98 0.72 23.75
N GLU A 189 8.59 1.79 24.45
CA GLU A 189 7.69 1.71 25.60
C GLU A 189 6.82 2.96 25.66
N SER A 190 5.63 2.85 26.22
CA SER A 190 4.74 3.99 26.37
CA SER A 190 4.75 3.98 26.37
C SER A 190 5.38 5.04 27.27
N ASP A 191 6.05 4.62 28.36
CA ASP A 191 6.53 5.56 29.34
C ASP A 191 7.67 6.43 28.83
N THR A 192 8.32 6.08 27.73
CA THR A 192 9.41 6.89 27.21
C THR A 192 9.05 7.54 25.84
N PHE A 193 7.84 7.26 25.33
CA PHE A 193 7.46 7.67 23.98
C PHE A 193 7.23 9.18 24.03
N VAL A 194 7.69 9.86 22.99
CA VAL A 194 7.44 11.28 22.79
C VAL A 194 6.90 11.47 21.36
N GLY A 195 5.64 11.87 21.28
CA GLY A 195 4.94 11.90 20.00
C GLY A 195 4.32 13.27 19.76
N ASN A 196 3.78 13.47 18.55
CA ASN A 196 3.32 14.77 18.08
C ASN A 196 1.99 14.64 17.37
N GLY A 197 1.27 13.49 17.43
CA GLY A 197 0.04 13.32 16.74
C GLY A 197 -1.21 13.54 17.59
N PRO A 198 -2.39 13.27 17.03
CA PRO A 198 -3.66 13.63 17.64
C PRO A 198 -3.92 12.96 18.97
N PHE A 199 -3.39 11.77 19.13
CA PHE A 199 -3.49 11.02 20.38
C PHE A 199 -2.10 10.87 20.98
N LYS A 200 -2.07 10.59 22.29
CA LYS A 200 -0.85 10.33 23.05
C LYS A 200 -0.88 8.87 23.53
N LEU A 201 0.22 8.15 23.33
CA LEU A 201 0.38 6.79 23.79
C LEU A 201 0.44 6.79 25.32
N THR A 202 -0.54 6.16 25.94
CA THR A 202 -0.58 6.15 27.41
C THR A 202 -0.34 4.77 28.00
N GLU A 203 -0.61 3.67 27.30
CA GLU A 203 -0.29 2.34 27.80
C GLU A 203 0.06 1.46 26.62
N TRP A 204 1.04 0.56 26.79
CA TRP A 204 1.41 -0.41 25.80
C TRP A 204 1.83 -1.66 26.57
N LYS A 205 0.88 -2.60 26.68
CA LYS A 205 1.12 -3.92 27.29
C LYS A 205 1.47 -4.84 26.14
N HIS A 206 2.76 -5.13 25.94
CA HIS A 206 3.26 -5.85 24.80
C HIS A 206 2.50 -7.18 24.64
N ASP A 207 2.00 -7.40 23.44
CA ASP A 207 1.29 -8.59 23.01
C ASP A 207 -0.14 -8.62 23.53
N ASP A 208 -0.53 -7.63 24.33
CA ASP A 208 -1.87 -7.57 24.89
C ASP A 208 -2.68 -6.40 24.30
N SER A 209 -2.28 -5.15 24.56
CA SER A 209 -3.11 -4.00 24.22
C SER A 209 -2.26 -2.74 24.15
N ILE A 210 -2.83 -1.75 23.43
CA ILE A 210 -2.38 -0.37 23.43
C ILE A 210 -3.52 0.55 23.80
N THR A 211 -3.21 1.59 24.56
CA THR A 211 -4.18 2.62 24.83
C THR A 211 -3.59 3.97 24.42
N MET A 212 -4.39 4.78 23.71
CA MET A 212 -3.97 6.14 23.45
C MET A 212 -5.13 7.06 23.81
N GLU A 213 -4.78 8.27 24.24
CA GLU A 213 -5.73 9.25 24.74
CA GLU A 213 -5.75 9.24 24.72
C GLU A 213 -5.59 10.56 23.97
N LYS A 214 -6.67 11.33 23.87
CA LYS A 214 -6.61 12.65 23.22
C LYS A 214 -5.42 13.39 23.79
N SER A 215 -4.54 13.94 22.93
CA SER A 215 -3.34 14.62 23.34
C SER A 215 -3.58 16.10 23.63
N ASP A 216 -3.21 16.53 24.83
CA ASP A 216 -3.41 17.90 25.25
C ASP A 216 -2.47 18.89 24.60
N THR A 217 -1.30 18.45 24.07
CA THR A 217 -0.28 19.31 23.46
C THR A 217 -0.54 19.49 21.92
N TYR A 218 -1.56 18.79 21.44
CA TYR A 218 -1.78 18.71 19.99
C TYR A 218 -2.38 20.04 19.53
N TRP A 219 -1.84 20.62 18.46
CA TRP A 219 -2.29 21.88 17.88
C TRP A 219 -3.75 21.86 17.49
N ASP A 220 -4.29 20.71 17.06
CA ASP A 220 -5.66 20.61 16.60
C ASP A 220 -6.51 19.77 17.55
N LYS A 221 -6.23 19.88 18.86
CA LYS A 221 -6.96 19.04 19.80
CA LYS A 221 -6.95 19.12 19.88
C LYS A 221 -8.47 19.31 19.80
N ASP A 222 -8.90 20.51 19.42
CA ASP A 222 -10.33 20.79 19.46
C ASP A 222 -11.09 20.00 18.41
N THR A 223 -10.42 19.52 17.36
CA THR A 223 -11.06 18.71 16.35
C THR A 223 -11.24 17.26 16.82
N VAL A 224 -10.42 16.83 17.79
CA VAL A 224 -10.40 15.44 18.21
C VAL A 224 -11.50 15.21 19.23
N LYS A 225 -12.44 14.34 18.88
CA LYS A 225 -13.67 14.19 19.66
C LYS A 225 -13.64 12.90 20.47
N LEU A 226 -12.79 11.92 20.13
CA LEU A 226 -12.63 10.71 20.93
C LEU A 226 -11.74 11.01 22.10
N ASP A 227 -12.09 10.42 23.26
CA ASP A 227 -11.26 10.54 24.44
C ASP A 227 -10.11 9.57 24.42
N LYS A 228 -10.38 8.34 23.95
CA LYS A 228 -9.39 7.28 23.95
C LYS A 228 -9.66 6.34 22.79
N VAL A 229 -8.57 5.74 22.32
CA VAL A 229 -8.66 4.61 21.42
C VAL A 229 -7.91 3.47 22.10
N LYS A 230 -8.60 2.33 22.19
CA LYS A 230 -8.01 1.11 22.70
C LYS A 230 -7.87 0.08 21.60
N TRP A 231 -6.66 -0.52 21.51
CA TRP A 231 -6.27 -1.45 20.45
C TRP A 231 -5.99 -2.83 21.04
N ALA A 232 -6.85 -3.79 20.66
CA ALA A 232 -6.61 -5.17 21.10
C ALA A 232 -5.57 -5.81 20.22
N MET A 233 -5.17 -7.07 20.55
CA MET A 233 -4.17 -7.80 19.81
C MET A 233 -4.68 -9.24 19.67
N VAL A 234 -5.84 -9.39 19.02
CA VAL A 234 -6.49 -10.70 18.91
C VAL A 234 -6.36 -11.19 17.49
N SER A 235 -5.59 -12.27 17.27
CA SER A 235 -5.40 -12.75 15.90
C SER A 235 -6.46 -13.77 15.51
N ASP A 236 -7.22 -14.28 16.49
CA ASP A 236 -8.26 -15.27 16.23
C ASP A 236 -9.50 -14.57 15.66
N ARG A 237 -9.70 -14.71 14.36
N ARG A 237 -9.71 -14.72 14.35
CA ARG A 237 -10.81 -14.08 13.64
CA ARG A 237 -10.79 -14.02 13.67
C ARG A 237 -12.14 -14.46 14.26
C ARG A 237 -12.15 -14.48 14.23
N ASN A 238 -12.18 -15.63 14.91
CA ASN A 238 -13.38 -16.13 15.55
C ASN A 238 -13.69 -15.32 16.82
N THR A 239 -12.66 -15.10 17.66
CA THR A 239 -12.76 -14.21 18.82
C THR A 239 -13.01 -12.76 18.41
N ASP A 240 -12.40 -12.31 17.29
CA ASP A 240 -12.65 -10.99 16.72
C ASP A 240 -14.15 -10.80 16.54
N TYR A 241 -14.85 -11.79 15.97
CA TYR A 241 -16.29 -11.64 15.75
C TYR A 241 -17.08 -11.63 17.06
N GLN A 242 -16.73 -12.51 18.00
CA GLN A 242 -17.44 -12.59 19.27
C GLN A 242 -17.36 -11.28 20.03
N MET A 243 -16.19 -10.61 19.89
CA MET A 243 -15.95 -9.36 20.55
C MET A 243 -16.79 -8.27 19.91
N PHE A 244 -16.93 -8.29 18.57
CA PHE A 244 -17.88 -7.38 17.95
C PHE A 244 -19.33 -7.67 18.43
N GLN A 245 -19.74 -8.94 18.38
CA GLN A 245 -21.09 -9.31 18.82
C GLN A 245 -21.37 -8.79 20.22
N SER A 246 -20.36 -8.88 21.11
CA SER A 246 -20.48 -8.55 22.52
C SER A 246 -20.31 -7.07 22.80
N GLY A 247 -19.90 -6.26 21.79
CA GLY A 247 -19.71 -4.82 21.97
C GLY A 247 -18.30 -4.44 22.42
N GLU A 248 -17.44 -5.43 22.66
CA GLU A 248 -16.07 -5.20 23.09
C GLU A 248 -15.19 -4.63 21.96
N LEU A 249 -15.58 -4.85 20.69
CA LEU A 249 -14.98 -4.17 19.55
C LEU A 249 -16.06 -3.32 18.88
N ASP A 250 -15.68 -2.10 18.47
CA ASP A 250 -16.53 -1.21 17.71
C ASP A 250 -16.36 -1.45 16.21
N THR A 251 -15.21 -2.01 15.82
CA THR A 251 -14.96 -2.41 14.42
C THR A 251 -14.38 -3.82 14.39
N ALA A 252 -14.70 -4.57 13.36
CA ALA A 252 -14.26 -5.95 13.29
C ALA A 252 -14.35 -6.43 11.85
N TYR A 253 -13.73 -7.58 11.57
CA TYR A 253 -13.84 -8.26 10.31
C TYR A 253 -15.18 -8.98 10.17
N VAL A 254 -15.60 -9.18 8.92
CA VAL A 254 -16.77 -9.97 8.62
C VAL A 254 -16.37 -11.45 8.58
N PRO A 255 -16.90 -12.34 9.46
CA PRO A 255 -16.54 -13.76 9.37
C PRO A 255 -16.91 -14.29 7.99
N ALA A 256 -15.99 -15.04 7.38
CA ALA A 256 -16.12 -15.54 6.01
C ALA A 256 -17.31 -16.49 5.89
N GLU A 257 -17.34 -17.47 6.82
CA GLU A 257 -18.45 -18.37 7.05
C GLU A 257 -19.81 -17.66 6.96
N LEU A 258 -19.90 -16.42 7.49
CA LEU A 258 -21.17 -15.72 7.63
C LEU A 258 -21.26 -14.51 6.68
N SER A 259 -20.46 -14.51 5.60
CA SER A 259 -20.43 -13.42 4.63
C SER A 259 -21.81 -13.17 4.01
N ASP A 260 -22.44 -14.24 3.52
CA ASP A 260 -23.68 -14.14 2.77
C ASP A 260 -24.78 -13.57 3.67
N GLN A 261 -24.73 -13.83 4.98
CA GLN A 261 -25.73 -13.30 5.89
C GLN A 261 -25.46 -11.84 6.26
N LEU A 262 -24.18 -11.45 6.42
CA LEU A 262 -23.81 -10.17 7.03
C LEU A 262 -23.48 -9.10 6.00
N LEU A 263 -22.93 -9.46 4.83
CA LEU A 263 -22.37 -8.48 3.90
C LEU A 263 -23.37 -7.41 3.47
N ASP A 264 -24.67 -7.72 3.53
CA ASP A 264 -25.71 -6.81 3.06
C ASP A 264 -26.15 -5.82 4.14
N GLN A 265 -25.77 -6.06 5.42
CA GLN A 265 -26.27 -5.26 6.54
C GLN A 265 -25.80 -3.80 6.44
N ASP A 266 -26.51 -2.91 7.16
CA ASP A 266 -26.20 -1.48 7.12
C ASP A 266 -24.93 -1.16 7.91
N ASN A 267 -24.47 -2.09 8.75
CA ASN A 267 -23.32 -1.82 9.60
C ASN A 267 -22.00 -2.29 8.98
N VAL A 268 -22.00 -2.68 7.70
CA VAL A 268 -20.77 -3.08 7.01
C VAL A 268 -20.25 -1.88 6.21
N ASN A 269 -18.98 -1.54 6.44
CA ASN A 269 -18.24 -0.51 5.73
C ASN A 269 -17.32 -1.15 4.69
N ILE A 270 -17.42 -0.74 3.43
CA ILE A 270 -16.55 -1.26 2.37
C ILE A 270 -15.92 -0.06 1.65
N VAL A 271 -14.57 -0.02 1.62
CA VAL A 271 -13.85 1.00 0.84
C VAL A 271 -12.68 0.38 0.08
N ASP A 272 -12.21 1.11 -0.94
CA ASP A 272 -11.10 0.67 -1.74
C ASP A 272 -9.84 0.58 -0.90
N GLN A 273 -8.99 -0.38 -1.24
CA GLN A 273 -7.58 -0.39 -0.88
C GLN A 273 -6.76 -0.58 -2.13
N ALA A 274 -5.89 0.35 -2.46
CA ALA A 274 -5.14 0.17 -3.70
C ALA A 274 -4.23 -1.03 -3.57
N GLY A 275 -4.35 -1.87 -4.59
CA GLY A 275 -3.60 -3.12 -4.63
C GLY A 275 -4.35 -4.16 -5.43
N LEU A 276 -3.61 -5.20 -5.78
CA LEU A 276 -4.06 -6.19 -6.76
C LEU A 276 -3.64 -7.59 -6.32
N TYR A 277 -4.57 -8.54 -6.43
CA TYR A 277 -4.31 -9.99 -6.42
C TYR A 277 -4.24 -10.44 -7.86
N PHE A 278 -3.14 -11.08 -8.25
CA PHE A 278 -2.90 -11.48 -9.61
C PHE A 278 -2.02 -12.71 -9.68
N TYR A 279 -1.83 -13.17 -10.91
CA TYR A 279 -0.86 -14.24 -11.20
C TYR A 279 0.21 -13.68 -12.14
N ARG A 280 1.45 -14.13 -11.92
CA ARG A 280 2.58 -13.84 -12.79
C ARG A 280 2.90 -15.07 -13.64
N PHE A 281 3.16 -14.84 -14.92
CA PHE A 281 3.87 -15.82 -15.74
C PHE A 281 5.37 -15.56 -15.70
N ASN A 282 6.17 -16.59 -16.00
CA ASN A 282 7.57 -16.41 -16.32
C ASN A 282 7.64 -16.50 -17.83
N VAL A 283 7.89 -15.38 -18.52
CA VAL A 283 7.82 -15.31 -19.96
C VAL A 283 9.02 -16.04 -20.59
N ASN A 284 9.94 -16.57 -19.81
CA ASN A 284 11.09 -17.32 -20.35
C ASN A 284 10.96 -18.81 -20.09
N MET A 285 9.84 -19.25 -19.49
CA MET A 285 9.65 -20.66 -19.24
C MET A 285 8.49 -21.13 -20.09
N GLU A 286 8.71 -22.24 -20.82
CA GLU A 286 7.67 -22.80 -21.64
C GLU A 286 6.47 -23.19 -20.78
N PRO A 287 5.24 -22.99 -21.29
CA PRO A 287 4.89 -22.47 -22.61
C PRO A 287 4.64 -20.97 -22.69
N PHE A 288 5.05 -20.24 -21.63
CA PHE A 288 4.67 -18.83 -21.50
C PHE A 288 5.59 -17.85 -22.20
N GLN A 289 6.56 -18.35 -22.97
CA GLN A 289 7.28 -17.50 -23.92
C GLN A 289 6.40 -17.10 -25.09
N ASN A 290 5.26 -17.80 -25.30
CA ASN A 290 4.35 -17.54 -26.36
C ASN A 290 3.29 -16.56 -25.90
N GLU A 291 3.21 -15.42 -26.56
CA GLU A 291 2.27 -14.35 -26.21
C GLU A 291 0.83 -14.82 -26.35
N ASN A 292 0.49 -15.56 -27.41
CA ASN A 292 -0.87 -16.06 -27.59
C ASN A 292 -1.28 -17.05 -26.49
N ILE A 293 -0.36 -17.86 -26.03
CA ILE A 293 -0.69 -18.77 -24.95
C ILE A 293 -0.93 -17.97 -23.66
N ARG A 294 -0.07 -16.99 -23.34
CA ARG A 294 -0.34 -16.17 -22.16
C ARG A 294 -1.69 -15.46 -22.28
N LYS A 295 -1.96 -14.87 -23.44
CA LYS A 295 -3.20 -14.15 -23.62
C LYS A 295 -4.41 -15.06 -23.46
N ALA A 296 -4.30 -16.33 -23.91
CA ALA A 296 -5.40 -17.27 -23.77
C ALA A 296 -5.69 -17.55 -22.30
N PHE A 297 -4.65 -17.81 -21.52
CA PHE A 297 -4.82 -18.05 -20.09
C PHE A 297 -5.47 -16.83 -19.43
N ALA A 298 -4.99 -15.63 -19.76
CA ALA A 298 -5.49 -14.39 -19.15
C ALA A 298 -6.94 -14.20 -19.51
N MET A 299 -7.35 -14.49 -20.73
CA MET A 299 -8.70 -14.24 -21.20
C MET A 299 -9.66 -15.36 -20.79
N ALA A 300 -9.13 -16.51 -20.38
CA ALA A 300 -9.98 -17.62 -19.92
C ALA A 300 -10.48 -17.36 -18.52
N VAL A 301 -9.70 -16.70 -17.68
CA VAL A 301 -10.08 -16.46 -16.30
C VAL A 301 -11.26 -15.49 -16.27
N ASP A 302 -12.25 -15.82 -15.42
CA ASP A 302 -13.42 -14.96 -15.21
C ASP A 302 -13.37 -14.41 -13.80
N GLN A 303 -12.95 -13.15 -13.66
CA GLN A 303 -12.71 -12.54 -12.35
C GLN A 303 -14.03 -12.34 -11.61
N GLU A 304 -15.10 -12.06 -12.34
CA GLU A 304 -16.44 -11.93 -11.74
C GLU A 304 -16.80 -13.23 -11.00
N GLU A 305 -16.53 -14.38 -11.60
CA GLU A 305 -16.85 -15.64 -10.96
C GLU A 305 -15.99 -15.82 -9.71
N ILE A 306 -14.70 -15.45 -9.75
CA ILE A 306 -13.85 -15.63 -8.56
C ILE A 306 -14.39 -14.80 -7.40
N VAL A 307 -14.71 -13.53 -7.64
CA VAL A 307 -15.16 -12.71 -6.52
C VAL A 307 -16.55 -13.13 -6.03
N LYS A 308 -17.42 -13.59 -6.93
CA LYS A 308 -18.80 -13.89 -6.54
C LYS A 308 -18.83 -15.24 -5.82
N TYR A 309 -18.05 -16.23 -6.25
CA TYR A 309 -18.25 -17.59 -5.74
C TYR A 309 -17.15 -18.06 -4.81
N VAL A 310 -15.96 -17.42 -4.87
CA VAL A 310 -14.79 -17.87 -4.15
C VAL A 310 -14.44 -16.90 -3.04
N THR A 311 -14.12 -15.62 -3.33
CA THR A 311 -13.66 -14.73 -2.27
C THR A 311 -14.81 -14.21 -1.42
N LYS A 312 -15.90 -13.77 -2.08
CA LYS A 312 -17.18 -13.45 -1.43
C LYS A 312 -17.05 -12.33 -0.39
N ASN A 313 -16.13 -11.37 -0.59
CA ASN A 313 -16.04 -10.20 0.27
C ASN A 313 -16.20 -8.92 -0.55
N ASN A 314 -16.92 -9.00 -1.69
CA ASN A 314 -17.33 -7.86 -2.45
C ASN A 314 -16.12 -7.15 -3.10
N GLU A 315 -15.01 -7.91 -3.29
CA GLU A 315 -13.86 -7.34 -3.98
C GLU A 315 -14.27 -7.03 -5.41
N LYS A 316 -13.73 -5.94 -5.99
CA LYS A 316 -13.97 -5.63 -7.39
C LYS A 316 -13.14 -6.56 -8.28
N PRO A 317 -13.75 -7.18 -9.31
CA PRO A 317 -13.01 -8.01 -10.23
C PRO A 317 -12.04 -7.14 -10.99
N ALA A 318 -10.84 -7.68 -11.26
CA ALA A 318 -9.80 -6.88 -11.92
C ALA A 318 -9.67 -7.22 -13.40
N HIS A 319 -9.84 -6.21 -14.27
CA HIS A 319 -9.68 -6.36 -15.71
C HIS A 319 -8.58 -5.43 -16.20
N ALA A 320 -7.63 -5.18 -15.30
CA ALA A 320 -6.55 -4.24 -15.55
C ALA A 320 -5.57 -4.43 -14.43
N PHE A 321 -4.42 -3.75 -14.46
CA PHE A 321 -3.38 -3.88 -13.45
C PHE A 321 -3.55 -2.85 -12.33
N VAL A 322 -3.71 -1.55 -12.71
CA VAL A 322 -3.74 -0.49 -11.72
C VAL A 322 -5.11 -0.46 -11.07
N SER A 323 -5.19 -0.58 -9.74
CA SER A 323 -6.45 -0.66 -9.01
C SER A 323 -7.14 0.69 -8.92
N PRO A 324 -8.43 0.70 -8.57
CA PRO A 324 -9.07 1.86 -8.00
C PRO A 324 -8.25 2.38 -6.82
N GLY A 325 -8.30 3.68 -6.65
CA GLY A 325 -7.64 4.30 -5.50
C GLY A 325 -6.72 5.47 -5.82
N PHE A 326 -6.50 5.79 -7.10
CA PHE A 326 -5.69 6.91 -7.49
C PHE A 326 -6.51 7.98 -8.19
N THR A 327 -6.33 9.23 -7.79
CA THR A 327 -7.09 10.32 -8.38
C THR A 327 -6.25 10.96 -9.49
N GLN A 328 -6.91 11.36 -10.56
CA GLN A 328 -6.31 12.05 -11.69
C GLN A 328 -6.42 13.56 -11.52
N PRO A 329 -5.76 14.32 -12.41
CA PRO A 329 -5.87 15.78 -12.33
C PRO A 329 -7.29 16.27 -12.52
N ASP A 330 -8.14 15.54 -13.25
CA ASP A 330 -9.54 15.93 -13.46
C ASP A 330 -10.45 15.43 -12.33
N GLY A 331 -9.89 14.77 -11.31
CA GLY A 331 -10.69 14.28 -10.18
C GLY A 331 -11.21 12.84 -10.34
N LYS A 332 -11.11 12.28 -11.56
CA LYS A 332 -11.57 10.93 -11.80
C LYS A 332 -10.61 9.95 -11.13
N ASP A 333 -11.12 8.75 -10.93
CA ASP A 333 -10.29 7.61 -10.57
C ASP A 333 -9.58 7.06 -11.80
N PHE A 334 -8.30 6.74 -11.66
CA PHE A 334 -7.46 6.28 -12.76
C PHE A 334 -8.01 5.03 -13.41
N ARG A 335 -8.40 4.03 -12.63
CA ARG A 335 -8.93 2.79 -13.16
C ARG A 335 -10.25 3.06 -13.87
N GLU A 336 -11.12 3.84 -13.24
CA GLU A 336 -12.42 4.14 -13.88
C GLU A 336 -12.19 4.85 -15.22
N ALA A 337 -11.24 5.78 -15.26
CA ALA A 337 -11.02 6.53 -16.49
C ALA A 337 -10.38 5.64 -17.54
N GLY A 338 -9.51 4.69 -17.19
CA GLY A 338 -8.86 3.83 -18.18
C GLY A 338 -9.79 2.76 -18.73
N GLY A 339 -10.73 2.29 -17.92
CA GLY A 339 -11.64 1.24 -18.37
C GLY A 339 -11.02 -0.14 -18.24
N ASP A 340 -11.80 -1.17 -18.62
CA ASP A 340 -11.33 -2.55 -18.66
C ASP A 340 -10.37 -2.76 -19.84
N LEU A 341 -9.25 -3.45 -19.61
CA LEU A 341 -8.21 -3.61 -20.62
C LEU A 341 -8.15 -5.05 -21.15
N ILE A 342 -8.66 -6.00 -20.37
CA ILE A 342 -8.79 -7.39 -20.83
C ILE A 342 -10.17 -7.85 -20.40
N LYS A 343 -10.97 -8.41 -21.34
CA LYS A 343 -12.31 -8.91 -21.07
C LYS A 343 -12.31 -10.43 -21.12
N PRO A 344 -12.91 -11.14 -20.14
CA PRO A 344 -13.05 -12.61 -20.21
C PRO A 344 -13.82 -13.01 -21.46
N ASN A 345 -13.30 -14.02 -22.17
CA ASN A 345 -13.93 -14.49 -23.39
C ASN A 345 -13.41 -15.89 -23.67
N GLU A 346 -14.25 -16.91 -23.39
CA GLU A 346 -13.84 -18.30 -23.48
C GLU A 346 -13.54 -18.69 -24.93
N SER A 347 -14.43 -18.29 -25.83
CA SER A 347 -14.26 -18.73 -27.22
C SER A 347 -13.02 -18.10 -27.86
N LYS A 348 -12.75 -16.81 -27.56
CA LYS A 348 -11.54 -16.15 -28.06
C LYS A 348 -10.29 -16.72 -27.40
N ALA A 349 -10.40 -17.09 -26.10
CA ALA A 349 -9.27 -17.65 -25.39
C ALA A 349 -8.87 -18.96 -26.07
N LYS A 350 -9.86 -19.81 -26.43
CA LYS A 350 -9.56 -21.08 -27.08
C LYS A 350 -8.84 -20.89 -28.40
N GLN A 351 -9.30 -19.91 -29.16
CA GLN A 351 -8.67 -19.60 -30.45
C GLN A 351 -7.21 -19.18 -30.23
N LEU A 352 -6.96 -18.31 -29.23
CA LEU A 352 -5.60 -17.86 -28.98
C LEU A 352 -4.71 -19.02 -28.56
N LEU A 353 -5.22 -19.94 -27.71
CA LEU A 353 -4.45 -21.09 -27.31
C LEU A 353 -4.08 -21.96 -28.52
N GLU A 354 -5.05 -22.17 -29.40
CA GLU A 354 -4.81 -23.01 -30.55
C GLU A 354 -3.77 -22.39 -31.47
N LYS A 355 -3.82 -21.05 -31.60
CA LYS A 355 -2.87 -20.35 -32.44
C LYS A 355 -1.47 -20.45 -31.85
N GLY A 356 -1.34 -20.23 -30.50
CA GLY A 356 -0.05 -20.30 -29.85
C GLY A 356 0.55 -21.69 -29.91
N MET A 357 -0.28 -22.71 -29.68
CA MET A 357 0.24 -24.07 -29.73
C MET A 357 0.74 -24.46 -31.14
N LYS A 358 0.05 -23.95 -32.15
CA LYS A 358 0.49 -24.18 -33.53
C LYS A 358 1.83 -23.49 -33.74
N GLU A 359 1.98 -22.23 -33.29
CA GLU A 359 3.25 -21.52 -33.44
C GLU A 359 4.43 -22.28 -32.83
N GLU A 360 4.20 -22.98 -31.71
CA GLU A 360 5.23 -23.61 -30.95
C GLU A 360 5.36 -25.10 -31.36
N ASN A 361 4.49 -25.60 -32.23
CA ASN A 361 4.49 -27.00 -32.62
C ASN A 361 4.20 -27.90 -31.41
N TYR A 362 3.37 -27.41 -30.47
CA TYR A 362 2.98 -28.19 -29.30
C TYR A 362 1.79 -29.11 -29.65
N ASN A 363 1.94 -30.42 -29.44
CA ASN A 363 0.73 -31.24 -29.59
C ASN A 363 -0.09 -31.24 -28.29
N LYS A 364 0.65 -31.15 -27.19
CA LYS A 364 0.15 -30.96 -25.84
C LYS A 364 0.99 -29.84 -25.24
N LEU A 365 0.37 -29.06 -24.35
CA LEU A 365 1.15 -28.08 -23.61
C LEU A 365 2.16 -28.76 -22.73
N PRO A 366 3.36 -28.18 -22.61
CA PRO A 366 4.31 -28.58 -21.58
C PRO A 366 3.60 -28.53 -20.21
N ALA A 367 4.07 -29.35 -19.28
CA ALA A 367 3.48 -29.36 -17.95
C ALA A 367 3.55 -27.98 -17.32
N ILE A 368 2.44 -27.63 -16.66
CA ILE A 368 2.37 -26.35 -15.96
C ILE A 368 2.05 -26.60 -14.50
N THR A 369 2.82 -25.92 -13.64
CA THR A 369 2.58 -25.83 -12.22
C THR A 369 2.16 -24.40 -11.83
N LEU A 370 1.04 -24.31 -11.09
CA LEU A 370 0.62 -23.06 -10.49
C LEU A 370 1.05 -23.09 -9.05
N THR A 371 1.98 -22.21 -8.66
CA THR A 371 2.53 -22.20 -7.33
C THR A 371 1.91 -21.07 -6.52
N TYR A 372 1.58 -21.33 -5.25
CA TYR A 372 1.06 -20.29 -4.38
C TYR A 372 1.63 -20.47 -2.97
N SER A 373 1.46 -19.45 -2.12
CA SER A 373 1.93 -19.55 -0.73
C SER A 373 0.81 -20.13 0.17
N THR A 374 1.23 -21.01 1.07
CA THR A 374 0.29 -21.81 1.86
C THR A 374 -0.60 -20.88 2.67
N LYS A 375 -1.89 -20.93 2.38
CA LYS A 375 -2.86 -20.12 3.07
C LYS A 375 -4.20 -20.55 2.51
N PRO A 376 -5.26 -20.68 3.32
CA PRO A 376 -6.54 -21.14 2.79
C PRO A 376 -7.12 -20.31 1.65
N GLU A 377 -7.03 -18.98 1.75
CA GLU A 377 -7.51 -18.12 0.68
C GLU A 377 -6.82 -18.48 -0.64
N HIS A 378 -5.50 -18.60 -0.60
CA HIS A 378 -4.73 -18.81 -1.82
C HIS A 378 -5.04 -20.16 -2.41
N LYS A 379 -5.23 -21.19 -1.57
CA LYS A 379 -5.58 -22.52 -2.08
C LYS A 379 -6.94 -22.48 -2.78
N LYS A 380 -7.94 -21.81 -2.19
CA LYS A 380 -9.26 -21.78 -2.80
C LYS A 380 -9.22 -21.08 -4.16
N ILE A 381 -8.45 -19.97 -4.27
CA ILE A 381 -8.45 -19.26 -5.55
C ILE A 381 -7.66 -20.06 -6.59
N ALA A 382 -6.55 -20.65 -6.18
CA ALA A 382 -5.74 -21.46 -7.08
C ALA A 382 -6.58 -22.64 -7.58
N GLU A 383 -7.39 -23.24 -6.71
CA GLU A 383 -8.21 -24.37 -7.15
C GLU A 383 -9.26 -23.92 -8.15
N ALA A 384 -9.84 -22.73 -7.93
CA ALA A 384 -10.82 -22.18 -8.86
C ALA A 384 -10.18 -21.86 -10.22
N ILE A 385 -8.96 -21.33 -10.23
CA ILE A 385 -8.22 -21.05 -11.45
C ILE A 385 -7.91 -22.35 -12.20
N GLN A 386 -7.39 -23.34 -11.46
CA GLN A 386 -7.14 -24.65 -12.03
C GLN A 386 -8.40 -25.21 -12.69
N GLN A 387 -9.53 -25.15 -12.01
CA GLN A 387 -10.75 -25.70 -12.60
C GLN A 387 -11.24 -24.91 -13.80
N LYS A 388 -11.11 -23.58 -13.73
CA LYS A 388 -11.53 -22.75 -14.83
C LYS A 388 -10.68 -23.04 -16.08
N LEU A 389 -9.35 -23.14 -15.93
CA LEU A 389 -8.48 -23.40 -17.09
C LEU A 389 -8.80 -24.77 -17.71
N LYS A 390 -9.13 -25.74 -16.85
CA LYS A 390 -9.54 -27.07 -17.34
C LYS A 390 -10.87 -26.96 -18.09
N ASN A 391 -11.86 -26.29 -17.52
CA ASN A 391 -13.18 -26.25 -18.13
CA ASN A 391 -13.18 -26.22 -18.11
C ASN A 391 -13.19 -25.41 -19.41
N SER A 392 -12.43 -24.30 -19.45
CA SER A 392 -12.54 -23.37 -20.55
CA SER A 392 -12.53 -23.36 -20.54
C SER A 392 -11.54 -23.68 -21.66
N LEU A 393 -10.35 -24.18 -21.31
CA LEU A 393 -9.28 -24.40 -22.31
C LEU A 393 -8.90 -25.86 -22.46
N GLY A 394 -9.33 -26.73 -21.55
CA GLY A 394 -8.93 -28.12 -21.58
C GLY A 394 -7.52 -28.33 -21.05
N VAL A 395 -6.96 -27.32 -20.35
CA VAL A 395 -5.58 -27.44 -19.93
C VAL A 395 -5.54 -27.95 -18.50
N ASP A 396 -4.49 -28.72 -18.23
CA ASP A 396 -4.22 -29.25 -16.90
C ASP A 396 -3.06 -28.47 -16.30
N VAL A 397 -3.30 -27.89 -15.12
CA VAL A 397 -2.20 -27.32 -14.35
C VAL A 397 -2.21 -28.07 -13.02
N LYS A 398 -1.03 -28.28 -12.49
CA LYS A 398 -0.82 -28.89 -11.20
C LYS A 398 -0.64 -27.74 -10.20
N LEU A 399 -1.09 -27.90 -8.97
CA LEU A 399 -0.86 -26.92 -7.92
C LEU A 399 0.36 -27.30 -7.09
N ALA A 400 1.06 -26.32 -6.59
CA ALA A 400 2.12 -26.50 -5.62
C ALA A 400 2.03 -25.38 -4.59
N ASN A 401 2.37 -25.61 -3.35
CA ASN A 401 2.29 -24.58 -2.33
C ASN A 401 3.53 -24.64 -1.47
N MET A 402 3.95 -23.48 -0.98
CA MET A 402 5.03 -23.47 -0.02
C MET A 402 4.88 -22.27 0.90
N GLU A 403 5.64 -22.28 1.99
CA GLU A 403 5.63 -21.23 2.98
C GLU A 403 5.97 -19.87 2.36
N TRP A 404 5.31 -18.81 2.84
CA TRP A 404 5.47 -17.47 2.33
C TRP A 404 6.91 -17.00 2.09
N ASN A 405 7.81 -17.14 3.09
CA ASN A 405 9.15 -16.56 2.93
C ASN A 405 9.90 -17.20 1.77
N VAL A 406 9.87 -18.53 1.72
CA VAL A 406 10.56 -19.24 0.65
C VAL A 406 9.85 -18.99 -0.70
N PHE A 407 8.51 -18.97 -0.68
CA PHE A 407 7.76 -18.66 -1.89
C PHE A 407 8.19 -17.32 -2.47
N LEU A 408 8.17 -16.30 -1.62
CA LEU A 408 8.50 -14.95 -2.06
C LEU A 408 9.92 -14.90 -2.67
N GLU A 409 10.85 -15.49 -1.96
CA GLU A 409 12.22 -15.46 -2.46
C GLU A 409 12.40 -16.23 -3.77
N ASP A 410 11.76 -17.40 -3.91
CA ASP A 410 11.83 -18.15 -5.17
C ASP A 410 11.14 -17.40 -6.32
N GLN A 411 10.08 -16.64 -6.00
CA GLN A 411 9.43 -15.85 -7.03
C GLN A 411 10.39 -14.77 -7.56
N LYS A 412 11.06 -14.07 -6.66
CA LYS A 412 12.06 -13.08 -7.04
C LYS A 412 13.14 -13.69 -7.91
N ALA A 413 13.50 -14.94 -7.58
CA ALA A 413 14.53 -15.63 -8.33
C ALA A 413 14.04 -16.23 -9.63
N LEU A 414 12.78 -15.93 -10.04
CA LEU A 414 12.16 -16.32 -11.29
C LEU A 414 12.11 -17.86 -11.38
N LYS A 415 11.83 -18.58 -10.29
CA LYS A 415 11.80 -20.03 -10.30
C LYS A 415 10.46 -20.55 -10.75
N PHE A 416 9.41 -19.73 -10.87
CA PHE A 416 8.07 -20.30 -11.05
C PHE A 416 7.50 -19.98 -12.41
N GLN A 417 6.92 -20.94 -13.15
CA GLN A 417 6.26 -20.71 -14.41
C GLN A 417 5.06 -19.75 -14.25
N PHE A 418 4.32 -19.93 -13.13
CA PHE A 418 2.97 -19.43 -12.97
C PHE A 418 2.66 -19.34 -11.48
N SER A 419 2.56 -18.14 -10.92
CA SER A 419 2.58 -18.00 -9.46
C SER A 419 1.69 -16.88 -8.93
N GLN A 420 1.05 -17.15 -7.83
CA GLN A 420 0.23 -16.19 -7.11
C GLN A 420 1.07 -14.99 -6.75
N SER A 421 0.44 -13.83 -6.84
CA SER A 421 1.06 -12.56 -6.65
C SER A 421 0.14 -11.56 -5.98
N SER A 422 0.76 -10.69 -5.23
CA SER A 422 0.09 -9.59 -4.55
CA SER A 422 0.11 -9.61 -4.50
C SER A 422 0.92 -8.34 -4.77
N PHE A 423 0.27 -7.21 -5.00
CA PHE A 423 0.97 -5.93 -5.11
C PHE A 423 0.19 -4.89 -4.34
N LEU A 424 0.89 -4.18 -3.46
CA LEU A 424 0.39 -3.01 -2.79
C LEU A 424 1.35 -1.86 -3.10
N PRO A 425 0.84 -0.73 -3.54
CA PRO A 425 1.71 0.40 -3.85
C PRO A 425 2.33 0.99 -2.59
N ASP A 426 3.52 1.57 -2.83
CA ASP A 426 4.28 2.23 -1.76
C ASP A 426 3.93 3.70 -1.61
N TYR A 427 3.25 4.32 -2.54
CA TYR A 427 2.92 5.73 -2.52
C TYR A 427 1.78 6.02 -3.49
N ALA A 428 1.19 7.20 -3.31
CA ALA A 428 -0.10 7.53 -3.87
C ALA A 428 -0.01 8.10 -5.28
N ASP A 429 0.42 7.25 -6.23
CA ASP A 429 0.39 7.61 -7.61
C ASP A 429 0.40 6.31 -8.41
N PRO A 430 -0.24 6.27 -9.60
CA PRO A 430 -0.21 5.06 -10.42
C PRO A 430 1.17 4.61 -10.88
N ILE A 431 2.16 5.51 -10.91
CA ILE A 431 3.51 5.11 -11.33
C ILE A 431 4.05 4.07 -10.33
N SER A 432 3.56 4.05 -9.09
CA SER A 432 4.04 3.06 -8.13
CA SER A 432 3.99 3.06 -8.10
C SER A 432 3.72 1.64 -8.62
N PHE A 433 2.58 1.43 -9.26
CA PHE A 433 2.30 0.20 -9.93
C PHE A 433 3.16 0.01 -11.18
N LEU A 434 3.10 1.00 -12.08
CA LEU A 434 3.62 0.81 -13.42
C LEU A 434 5.13 0.70 -13.46
N GLU A 435 5.86 1.32 -12.55
CA GLU A 435 7.30 1.16 -12.60
C GLU A 435 7.72 -0.28 -12.31
N ALA A 436 6.85 -1.08 -11.70
CA ALA A 436 7.17 -2.46 -11.39
C ALA A 436 7.46 -3.30 -12.64
N PHE A 437 6.97 -2.95 -13.82
CA PHE A 437 7.12 -3.84 -14.98
C PHE A 437 8.15 -3.32 -15.97
N GLN A 438 8.97 -2.36 -15.54
CA GLN A 438 10.14 -2.06 -16.34
C GLN A 438 11.03 -3.31 -16.40
N THR A 439 11.82 -3.36 -17.47
CA THR A 439 12.77 -4.45 -17.64
C THR A 439 13.65 -4.59 -16.41
N GLY A 440 13.75 -5.80 -15.88
CA GLY A 440 14.60 -6.11 -14.77
C GLY A 440 14.22 -5.47 -13.43
N ASN A 441 13.08 -4.77 -13.33
CA ASN A 441 12.74 -4.18 -12.04
C ASN A 441 12.52 -5.29 -11.00
N SER A 442 12.82 -5.04 -9.71
CA SER A 442 12.73 -6.06 -8.68
C SER A 442 11.27 -6.50 -8.43
N MET A 443 10.29 -5.65 -8.83
CA MET A 443 8.90 -5.96 -8.63
C MET A 443 8.25 -6.57 -9.87
N ASN A 444 9.05 -6.82 -10.88
CA ASN A 444 8.57 -7.36 -12.15
C ASN A 444 8.40 -8.87 -12.01
N ARG A 445 9.49 -9.62 -11.84
CA ARG A 445 9.51 -11.04 -11.51
C ARG A 445 8.84 -11.92 -12.55
N THR A 446 8.73 -11.46 -13.79
CA THR A 446 8.17 -12.24 -14.87
C THR A 446 9.18 -12.43 -16.01
N GLY A 447 10.29 -11.67 -16.04
CA GLY A 447 11.13 -11.66 -17.22
C GLY A 447 10.64 -10.73 -18.34
N TRP A 448 9.45 -10.14 -18.23
CA TRP A 448 8.91 -9.29 -19.27
C TRP A 448 9.82 -8.06 -19.44
N ALA A 449 10.14 -7.79 -20.71
CA ALA A 449 11.18 -6.82 -21.04
C ALA A 449 10.80 -6.13 -22.32
N ASN A 450 10.13 -5.01 -22.20
CA ASN A 450 9.51 -4.30 -23.31
C ASN A 450 10.06 -2.88 -23.40
N LYS A 451 10.84 -2.65 -24.46
CA LYS A 451 11.52 -1.37 -24.60
C LYS A 451 10.54 -0.20 -24.73
N GLU A 452 9.42 -0.38 -25.39
CA GLU A 452 8.40 0.63 -25.60
CA GLU A 452 8.43 0.65 -25.59
C GLU A 452 7.80 1.01 -24.24
N TYR A 453 7.54 0.00 -23.40
CA TYR A 453 6.99 0.24 -22.08
C TYR A 453 8.00 1.03 -21.26
N ASP A 454 9.25 0.57 -21.27
CA ASP A 454 10.30 1.23 -20.51
C ASP A 454 10.41 2.70 -20.92
N GLN A 455 10.27 2.98 -22.21
CA GLN A 455 10.34 4.36 -22.71
C GLN A 455 9.18 5.18 -22.18
N LEU A 456 7.97 4.61 -22.15
CA LEU A 456 6.79 5.30 -21.66
C LEU A 456 6.93 5.65 -20.19
N ILE A 457 7.50 4.73 -19.42
CA ILE A 457 7.70 5.00 -18.00
C ILE A 457 8.71 6.15 -17.87
N LYS A 458 9.81 6.08 -18.63
CA LYS A 458 10.79 7.15 -18.61
C LYS A 458 10.17 8.49 -19.00
N GLN A 459 9.35 8.56 -20.03
CA GLN A 459 8.69 9.78 -20.43
C GLN A 459 7.76 10.25 -19.31
N ALA A 460 7.00 9.32 -18.68
CA ALA A 460 6.11 9.73 -17.60
C ALA A 460 6.87 10.37 -16.46
N LYS A 461 8.03 9.82 -16.13
CA LYS A 461 8.82 10.33 -15.01
C LYS A 461 9.50 11.66 -15.33
N ASN A 462 9.50 12.09 -16.60
CA ASN A 462 10.10 13.37 -17.01
C ASN A 462 9.07 14.33 -17.59
N GLU A 463 7.78 14.05 -17.41
CA GLU A 463 6.75 14.83 -18.01
C GLU A 463 6.28 15.87 -16.99
N ALA A 464 6.27 17.15 -17.39
CA ALA A 464 5.89 18.23 -16.49
C ALA A 464 4.38 18.46 -16.47
N ASP A 465 3.69 18.14 -17.57
CA ASP A 465 2.25 18.34 -17.62
C ASP A 465 1.51 17.12 -17.04
N GLU A 466 0.80 17.31 -15.93
CA GLU A 466 0.16 16.17 -15.25
C GLU A 466 -0.85 15.45 -16.12
N LYS A 467 -1.62 16.16 -16.94
CA LYS A 467 -2.59 15.48 -17.77
C LYS A 467 -1.86 14.59 -18.77
N THR A 468 -0.75 15.04 -19.33
CA THR A 468 0.00 14.24 -20.26
C THR A 468 0.68 13.08 -19.55
N ARG A 469 1.19 13.30 -18.32
CA ARG A 469 1.78 12.21 -17.53
C ARG A 469 0.76 11.09 -17.30
N PHE A 470 -0.45 11.43 -16.96
CA PHE A 470 -1.50 10.44 -16.78
C PHE A 470 -1.77 9.71 -18.10
N SER A 471 -1.79 10.45 -19.23
CA SER A 471 -1.98 9.75 -20.51
C SER A 471 -0.88 8.74 -20.79
N LEU A 472 0.36 9.10 -20.55
CA LEU A 472 1.49 8.18 -20.74
C LEU A 472 1.31 6.94 -19.88
N MET A 473 0.81 7.11 -18.65
CA MET A 473 0.61 5.97 -17.77
C MET A 473 -0.52 5.08 -18.25
N HIS A 474 -1.60 5.66 -18.78
CA HIS A 474 -2.62 4.82 -19.42
C HIS A 474 -2.07 4.07 -20.64
N GLN A 475 -1.24 4.72 -21.42
CA GLN A 475 -0.64 4.12 -22.61
C GLN A 475 0.20 2.93 -22.19
N ALA A 476 1.01 3.06 -21.14
CA ALA A 476 1.87 2.03 -20.65
C ALA A 476 1.02 0.85 -20.18
N GLU A 477 -0.04 1.13 -19.44
CA GLU A 477 -0.86 0.04 -18.88
C GLU A 477 -1.46 -0.81 -19.99
N GLU A 478 -1.96 -0.15 -21.03
CA GLU A 478 -2.59 -0.85 -22.13
C GLU A 478 -1.59 -1.82 -22.78
N LEU A 479 -0.36 -1.41 -22.92
CA LEU A 479 0.68 -2.23 -23.55
C LEU A 479 1.01 -3.43 -22.66
N LEU A 480 1.12 -3.24 -21.34
CA LEU A 480 1.36 -4.30 -20.39
C LEU A 480 0.26 -5.35 -20.48
N ILE A 481 -0.99 -4.92 -20.34
CA ILE A 481 -2.08 -5.89 -20.35
C ILE A 481 -2.19 -6.61 -21.70
N ASN A 482 -1.93 -5.91 -22.78
CA ASN A 482 -2.02 -6.52 -24.10
C ASN A 482 -1.03 -7.68 -24.22
N GLU A 483 0.12 -7.65 -23.61
CA GLU A 483 1.11 -8.69 -23.73
C GLU A 483 0.99 -9.77 -22.65
N ALA A 484 0.15 -9.52 -21.64
CA ALA A 484 -0.27 -10.50 -20.68
C ALA A 484 0.90 -11.22 -20.03
N PRO A 485 1.87 -10.53 -19.38
CA PRO A 485 2.79 -11.24 -18.51
C PRO A 485 2.19 -11.55 -17.13
N ILE A 486 0.96 -11.05 -16.91
CA ILE A 486 0.17 -11.26 -15.70
C ILE A 486 -1.29 -11.55 -16.06
N ILE A 487 -1.97 -12.15 -15.08
CA ILE A 487 -3.43 -12.28 -15.06
C ILE A 487 -3.98 -11.54 -13.86
N PRO A 488 -4.64 -10.40 -14.04
CA PRO A 488 -5.28 -9.71 -12.91
C PRO A 488 -6.45 -10.54 -12.37
N VAL A 489 -6.66 -10.58 -11.05
CA VAL A 489 -7.77 -11.33 -10.47
C VAL A 489 -8.74 -10.41 -9.72
N TYR A 490 -8.32 -9.72 -8.64
CA TYR A 490 -9.22 -8.79 -7.96
C TYR A 490 -8.45 -7.65 -7.34
N PHE A 491 -9.20 -6.57 -7.12
CA PHE A 491 -8.66 -5.40 -6.46
C PHE A 491 -8.96 -5.44 -4.97
N TYR A 492 -8.00 -4.96 -4.17
CA TYR A 492 -8.14 -5.02 -2.72
C TYR A 492 -9.20 -4.04 -2.21
N ASN A 493 -9.76 -4.41 -1.07
CA ASN A 493 -10.69 -3.56 -0.35
C ASN A 493 -10.47 -3.74 1.14
N GLN A 494 -11.22 -2.90 1.88
CA GLN A 494 -11.25 -2.90 3.34
C GLN A 494 -12.73 -3.05 3.75
N VAL A 495 -13.02 -4.15 4.45
CA VAL A 495 -14.40 -4.54 4.79
C VAL A 495 -14.45 -4.69 6.32
N HIS A 496 -15.36 -3.92 6.96
CA HIS A 496 -15.53 -4.00 8.41
C HIS A 496 -17.00 -3.90 8.81
N LEU A 497 -17.31 -4.73 9.80
CA LEU A 497 -18.43 -4.46 10.70
C LEU A 497 -18.06 -3.26 11.56
N GLN A 498 -19.02 -2.36 11.71
CA GLN A 498 -18.78 -1.12 12.44
C GLN A 498 -20.02 -0.76 13.25
N ASN A 499 -19.82 -0.54 14.55
CA ASN A 499 -20.85 0.01 15.44
C ASN A 499 -21.44 1.27 14.81
N GLU A 500 -22.79 1.29 14.68
CA GLU A 500 -23.51 2.42 14.10
C GLU A 500 -23.22 3.74 14.81
N GLN A 501 -22.83 3.68 16.09
CA GLN A 501 -22.51 4.88 16.86
C GLN A 501 -21.23 5.56 16.37
N VAL A 502 -20.33 4.81 15.72
CA VAL A 502 -19.03 5.36 15.35
C VAL A 502 -19.08 5.96 13.94
N LYS A 503 -18.70 7.25 13.82
CA LYS A 503 -18.71 7.95 12.56
C LYS A 503 -17.30 8.50 12.33
N GLY A 504 -16.99 8.73 11.06
CA GLY A 504 -15.86 9.58 10.76
C GLY A 504 -14.50 8.89 10.68
N ILE A 505 -14.40 7.57 10.81
CA ILE A 505 -13.15 6.86 10.57
C ILE A 505 -12.81 7.02 9.10
N VAL A 506 -11.53 7.33 8.85
CA VAL A 506 -11.05 7.45 7.48
C VAL A 506 -10.01 6.38 7.22
N ARG A 507 -10.31 5.53 6.22
CA ARG A 507 -9.42 4.50 5.71
CA ARG A 507 -9.41 4.51 5.72
C ARG A 507 -9.02 4.87 4.28
N HIS A 508 -7.74 5.11 4.04
CA HIS A 508 -7.28 5.68 2.76
C HIS A 508 -6.97 4.58 1.78
N PRO A 509 -7.10 4.84 0.46
CA PRO A 509 -6.69 3.83 -0.50
C PRO A 509 -5.20 3.51 -0.43
N VAL A 510 -4.38 4.55 -0.15
CA VAL A 510 -2.95 4.40 0.01
C VAL A 510 -2.60 5.17 1.28
N GLY A 511 -2.23 4.46 2.32
CA GLY A 511 -1.94 5.10 3.58
C GLY A 511 -2.62 4.37 4.75
N TYR A 512 -2.65 5.04 5.91
CA TYR A 512 -2.92 4.39 7.20
C TYR A 512 -4.13 5.06 7.87
N ILE A 513 -4.80 4.27 8.70
CA ILE A 513 -6.08 4.71 9.29
C ILE A 513 -5.96 6.05 10.03
N ASP A 514 -6.89 6.93 9.81
CA ASP A 514 -6.91 8.23 10.48
C ASP A 514 -8.16 8.22 11.37
N LEU A 515 -7.92 8.49 12.65
CA LEU A 515 -8.96 8.48 13.66
C LEU A 515 -9.20 9.87 14.22
N LYS A 516 -8.45 10.88 13.85
CA LYS A 516 -8.60 12.20 14.52
C LYS A 516 -9.99 12.83 14.26
N TRP A 517 -10.70 12.48 13.21
CA TRP A 517 -12.03 13.04 12.90
C TRP A 517 -13.18 12.12 13.34
N ALA A 518 -12.86 10.99 13.95
CA ALA A 518 -13.87 9.99 14.32
C ALA A 518 -14.59 10.45 15.59
N ASP A 519 -15.85 9.98 15.72
CA ASP A 519 -16.68 10.31 16.87
C ASP A 519 -17.47 9.05 17.18
N LYS A 520 -17.93 9.00 18.43
CA LYS A 520 -18.76 7.91 18.89
C LYS A 520 -19.94 8.48 19.67
N ASN A 521 -21.15 8.35 19.11
CA ASN A 521 -22.33 9.09 19.57
C ASN A 521 -23.59 8.25 19.28
#